data_6DE4
#
_entry.id   6DE4
#
_cell.length_a   104.611
_cell.length_b   104.660
_cell.length_c   144.333
_cell.angle_alpha   90.00
_cell.angle_beta   90.00
_cell.angle_gamma   90.00
#
_symmetry.space_group_name_H-M   'C 2 2 21'
#
loop_
_entity.id
_entity.type
_entity.pdbx_description
1 polymer 'Dihydrofolate reductase'
2 non-polymer 'NADPH DIHYDRO-NICOTINAMIDE-ADENINE-DINUCLEOTIDE PHOSPHATE'
3 non-polymer "3'-[(2R)-4-(2,4-diamino-6-ethylpyrimidin-5-yl)but-3-yn-2-yl]-5'-methoxy[1,1'-biphenyl]-4-carboxylic acid"
4 non-polymer 'CHLORIDE ION'
5 non-polymer GLYCEROL
6 non-polymer ETHANOL
7 non-polymer 'CALCIUM ION'
8 non-polymer 'SULFATE ION'
9 water water
#
_entity_poly.entity_id   1
_entity_poly.type   'polypeptide(L)'
_entity_poly.pdbx_seq_one_letter_code
;VGSLNCIVAVSQNMGIGKNGDLPWPPLRNEFRYFQRMTTTSSVEGKQNLVIMGKKTWFSIPEKNRPLKGRINLVLSRELK
EPPQGAHFLSRSLDDALKLTEQPELANKVDMVWIVGGSSVYKEAMNHPGHLKLFVTRIMQDFESDTFFPEIDLEKYKLLP
EYPGVLSDVQEEKGIKYKFEVYEKND
;
_entity_poly.pdbx_strand_id   A,B
#
# COMPACT_ATOMS: atom_id res chain seq x y z
N VAL A 1 4.25 -28.72 -3.69
CA VAL A 1 3.21 -27.70 -3.73
C VAL A 1 3.83 -26.30 -3.84
N GLY A 2 3.17 -25.44 -4.61
CA GLY A 2 3.67 -24.10 -4.83
C GLY A 2 3.42 -23.18 -3.65
N SER A 3 3.10 -21.92 -3.94
CA SER A 3 3.03 -20.88 -2.92
C SER A 3 1.71 -20.86 -2.15
N LEU A 4 1.71 -20.09 -1.07
CA LEU A 4 0.55 -19.90 -0.21
C LEU A 4 -0.09 -18.52 -0.44
N ASN A 5 -1.39 -18.52 -0.74
CA ASN A 5 -2.07 -17.28 -1.10
C ASN A 5 -3.44 -17.13 -0.43
N CYS A 6 -3.77 -15.89 -0.09
CA CYS A 6 -5.10 -15.52 0.33
C CYS A 6 -5.79 -14.72 -0.74
N ILE A 7 -7.09 -14.87 -0.85
CA ILE A 7 -7.83 -14.02 -1.78
C ILE A 7 -9.15 -13.65 -1.14
N VAL A 8 -9.50 -12.37 -1.24
CA VAL A 8 -10.69 -11.86 -0.58
C VAL A 8 -11.21 -10.63 -1.31
N ALA A 9 -12.52 -10.44 -1.24
CA ALA A 9 -13.14 -9.20 -1.65
C ALA A 9 -13.68 -8.48 -0.40
N VAL A 10 -13.27 -7.23 -0.18
CA VAL A 10 -13.58 -6.52 1.07
C VAL A 10 -14.26 -5.15 0.83
N SER A 11 -15.30 -4.85 1.60
CA SER A 11 -15.95 -3.54 1.49
C SER A 11 -15.14 -2.48 2.23
N GLN A 12 -15.52 -1.21 2.10
CA GLN A 12 -14.77 -0.13 2.74
C GLN A 12 -14.77 -0.25 4.27
N ASN A 13 -15.88 -0.75 4.81
CA ASN A 13 -15.97 -0.96 6.25
C ASN A 13 -15.40 -2.32 6.64
N MET A 14 -14.62 -2.92 5.74
CA MET A 14 -13.91 -4.18 5.98
C MET A 14 -14.85 -5.40 6.01
N GLY A 15 -16.05 -5.23 5.49
CA GLY A 15 -17.01 -6.33 5.40
C GLY A 15 -16.72 -7.34 4.30
N ILE A 16 -16.99 -8.60 4.60
CA ILE A 16 -16.79 -9.70 3.66
C ILE A 16 -18.04 -10.59 3.62
N GLY A 17 -18.90 -10.51 4.64
CA GLY A 17 -20.13 -11.28 4.62
C GLY A 17 -21.34 -10.63 5.27
N LYS A 18 -22.52 -11.18 4.98
CA LYS A 18 -23.77 -10.72 5.56
C LYS A 18 -24.83 -11.81 5.41
N ASN A 19 -25.32 -12.30 6.54
CA ASN A 19 -26.33 -13.36 6.56
C ASN A 19 -25.96 -14.54 5.65
N GLY A 20 -24.68 -14.92 5.68
CA GLY A 20 -24.22 -16.01 4.84
C GLY A 20 -24.17 -15.68 3.35
N ASP A 21 -24.26 -14.40 3.02
CA ASP A 21 -24.07 -13.99 1.63
C ASP A 21 -23.06 -12.85 1.51
N LEU A 22 -22.69 -12.53 0.28
CA LEU A 22 -21.83 -11.38 0.05
C LEU A 22 -22.61 -10.14 0.42
N PRO A 23 -21.91 -9.14 0.98
CA PRO A 23 -22.57 -7.90 1.42
C PRO A 23 -23.11 -7.09 0.26
N TRP A 24 -22.52 -7.28 -0.92
CA TRP A 24 -22.92 -6.52 -2.10
C TRP A 24 -23.63 -7.41 -3.09
N PRO A 25 -24.29 -6.80 -4.08
N PRO A 25 -24.30 -6.81 -4.09
CA PRO A 25 -24.86 -7.53 -5.23
CA PRO A 25 -24.86 -7.54 -5.22
C PRO A 25 -23.75 -8.20 -6.03
C PRO A 25 -23.77 -8.17 -6.07
N PRO A 26 -24.07 -9.29 -6.73
CA PRO A 26 -23.12 -10.07 -7.52
C PRO A 26 -22.34 -9.23 -8.54
N LEU A 27 -21.01 -9.27 -8.45
CA LEU A 27 -20.12 -8.58 -9.37
C LEU A 27 -19.49 -9.61 -10.30
N ARG A 28 -20.06 -9.73 -11.48
CA ARG A 28 -19.69 -10.78 -12.44
CA ARG A 28 -19.67 -10.75 -12.45
C ARG A 28 -18.16 -10.87 -12.68
N ASN A 29 -17.48 -9.74 -12.85
CA ASN A 29 -16.05 -9.83 -13.17
C ASN A 29 -15.16 -9.97 -11.94
N GLU A 30 -15.66 -9.52 -10.79
CA GLU A 30 -14.95 -9.80 -9.56
C GLU A 30 -14.97 -11.33 -9.34
N PHE A 31 -16.11 -11.94 -9.60
CA PHE A 31 -16.25 -13.39 -9.52
C PHE A 31 -15.36 -14.10 -10.53
N ARG A 32 -15.32 -13.62 -11.77
CA ARG A 32 -14.47 -14.25 -12.79
C ARG A 32 -13.01 -14.17 -12.36
N TYR A 33 -12.62 -13.02 -11.83
CA TYR A 33 -11.26 -12.82 -11.29
C TYR A 33 -10.94 -13.88 -10.21
N PHE A 34 -11.87 -14.04 -9.28
CA PHE A 34 -11.72 -15.01 -8.22
C PHE A 34 -11.56 -16.42 -8.82
N GLN A 35 -12.42 -16.74 -9.78
CA GLN A 35 -12.42 -18.06 -10.39
C GLN A 35 -11.11 -18.33 -11.11
N ARG A 36 -10.69 -17.37 -11.92
CA ARG A 36 -9.50 -17.60 -12.71
C ARG A 36 -8.24 -17.64 -11.83
N MET A 37 -8.14 -16.73 -10.87
CA MET A 37 -6.99 -16.71 -9.98
C MET A 37 -6.87 -18.04 -9.19
N THR A 38 -7.97 -18.56 -8.64
CA THR A 38 -7.84 -19.73 -7.76
C THR A 38 -7.73 -21.02 -8.55
N THR A 39 -8.24 -21.01 -9.78
CA THR A 39 -8.31 -22.22 -10.58
C THR A 39 -7.07 -22.44 -11.44
N THR A 40 -6.42 -21.35 -11.85
CA THR A 40 -5.27 -21.45 -12.74
C THR A 40 -4.01 -21.98 -12.08
N SER A 41 -3.64 -23.21 -12.44
CA SER A 41 -2.38 -23.80 -12.01
C SER A 41 -1.23 -23.35 -12.91
N SER A 42 -0.09 -23.08 -12.31
CA SER A 42 1.12 -22.72 -13.06
C SER A 42 1.93 -23.95 -13.48
N VAL A 43 1.44 -25.13 -13.11
CA VAL A 43 2.12 -26.39 -13.39
C VAL A 43 1.17 -27.39 -14.08
N GLU A 44 1.59 -27.92 -15.22
CA GLU A 44 0.74 -28.84 -15.97
C GLU A 44 0.51 -30.14 -15.19
N GLY A 45 -0.71 -30.65 -15.25
CA GLY A 45 -1.06 -31.87 -14.53
C GLY A 45 -1.42 -31.68 -13.06
N LYS A 46 -1.19 -30.48 -12.52
CA LYS A 46 -1.51 -30.21 -11.12
C LYS A 46 -2.73 -29.30 -10.99
N GLN A 47 -3.43 -29.43 -9.87
CA GLN A 47 -4.53 -28.53 -9.58
C GLN A 47 -4.19 -27.65 -8.40
N ASN A 48 -4.89 -26.52 -8.27
CA ASN A 48 -4.75 -25.74 -7.06
C ASN A 48 -5.64 -26.27 -5.95
N LEU A 49 -5.25 -25.96 -4.72
CA LEU A 49 -6.00 -26.33 -3.53
C LEU A 49 -6.66 -25.08 -2.98
N VAL A 50 -7.96 -25.11 -2.75
CA VAL A 50 -8.61 -24.00 -2.05
C VAL A 50 -9.01 -24.44 -0.64
N ILE A 51 -8.68 -23.60 0.34
CA ILE A 51 -8.96 -23.86 1.75
C ILE A 51 -9.99 -22.87 2.25
N MET A 52 -11.05 -23.37 2.87
CA MET A 52 -12.09 -22.50 3.41
C MET A 52 -12.66 -23.01 4.73
N GLY A 53 -13.24 -22.09 5.50
CA GLY A 53 -13.95 -22.46 6.71
C GLY A 53 -15.31 -23.05 6.36
N LYS A 54 -15.92 -23.70 7.34
CA LYS A 54 -17.24 -24.35 7.21
C LYS A 54 -18.36 -23.41 6.75
N LYS A 55 -18.43 -22.21 7.32
CA LYS A 55 -19.47 -21.26 6.91
C LYS A 55 -19.28 -20.81 5.46
N THR A 56 -18.03 -20.56 5.06
CA THR A 56 -17.76 -20.23 3.68
C THR A 56 -18.21 -21.37 2.78
N TRP A 57 -17.90 -22.61 3.17
CA TRP A 57 -18.28 -23.75 2.35
C TRP A 57 -19.80 -23.80 2.17
N PHE A 58 -20.55 -23.67 3.25
CA PHE A 58 -21.99 -23.77 3.19
C PHE A 58 -22.68 -22.51 2.64
N SER A 59 -21.97 -21.38 2.54
CA SER A 59 -22.53 -20.17 1.92
C SER A 59 -22.49 -20.25 0.39
N ILE A 60 -21.66 -21.15 -0.14
CA ILE A 60 -21.62 -21.42 -1.56
C ILE A 60 -22.86 -22.18 -2.00
N PRO A 61 -23.54 -21.71 -3.06
CA PRO A 61 -24.69 -22.41 -3.63
C PRO A 61 -24.41 -23.89 -3.84
N GLU A 62 -25.30 -24.75 -3.37
CA GLU A 62 -25.08 -26.19 -3.39
C GLU A 62 -24.70 -26.68 -4.79
N LYS A 63 -25.27 -26.03 -5.80
CA LYS A 63 -25.06 -26.44 -7.18
C LYS A 63 -23.63 -26.17 -7.63
N ASN A 64 -22.88 -25.37 -6.87
CA ASN A 64 -21.52 -25.03 -7.28
C ASN A 64 -20.43 -25.58 -6.35
N ARG A 65 -20.83 -26.38 -5.37
CA ARG A 65 -19.90 -27.08 -4.50
C ARG A 65 -19.68 -28.48 -5.02
N PRO A 66 -18.42 -28.93 -5.10
CA PRO A 66 -17.23 -28.16 -4.68
C PRO A 66 -16.84 -27.15 -5.75
N LEU A 67 -15.97 -26.20 -5.42
CA LEU A 67 -15.48 -25.28 -6.43
C LEU A 67 -14.78 -26.08 -7.54
N LYS A 68 -15.32 -25.99 -8.75
CA LYS A 68 -14.85 -26.79 -9.88
C LYS A 68 -13.40 -26.54 -10.28
N GLY A 69 -12.74 -27.61 -10.72
CA GLY A 69 -11.36 -27.55 -11.17
C GLY A 69 -10.34 -27.29 -10.08
N ARG A 70 -10.77 -27.35 -8.82
CA ARG A 70 -9.85 -27.21 -7.70
C ARG A 70 -10.09 -28.27 -6.64
N ILE A 71 -9.02 -28.70 -5.97
CA ILE A 71 -9.15 -29.56 -4.80
C ILE A 71 -9.70 -28.70 -3.66
N ASN A 72 -10.86 -29.07 -3.13
CA ASN A 72 -11.50 -28.32 -2.04
C ASN A 72 -11.18 -28.91 -0.67
N LEU A 73 -10.77 -28.06 0.26
CA LEU A 73 -10.54 -28.53 1.62
C LEU A 73 -11.26 -27.63 2.60
N VAL A 74 -11.98 -28.24 3.53
CA VAL A 74 -12.74 -27.51 4.52
C VAL A 74 -12.10 -27.62 5.90
N LEU A 75 -12.06 -26.49 6.61
CA LEU A 75 -11.60 -26.43 8.00
C LEU A 75 -12.75 -26.47 9.02
N SER A 76 -12.68 -27.42 9.94
CA SER A 76 -13.67 -27.52 11.01
C SER A 76 -13.21 -28.46 12.11
N ARG A 77 -13.48 -28.11 13.37
CA ARG A 77 -13.19 -28.96 14.52
C ARG A 77 -14.42 -29.77 14.94
N GLU A 78 -15.49 -29.60 14.18
CA GLU A 78 -16.80 -30.08 14.57
C GLU A 78 -17.26 -31.17 13.63
N LEU A 79 -17.09 -30.97 12.32
CA LEU A 79 -17.38 -32.03 11.37
C LEU A 79 -16.44 -33.22 11.56
N LYS A 80 -16.94 -34.43 11.30
CA LYS A 80 -16.14 -35.63 11.51
C LYS A 80 -15.70 -36.18 10.18
N GLU A 81 -16.44 -35.80 9.14
N GLU A 81 -16.41 -35.80 9.13
CA GLU A 81 -16.08 -36.16 7.77
CA GLU A 81 -16.05 -36.20 7.77
C GLU A 81 -16.18 -34.91 6.92
C GLU A 81 -16.30 -35.02 6.84
N PRO A 82 -15.54 -34.93 5.73
CA PRO A 82 -15.76 -33.87 4.75
C PRO A 82 -17.24 -33.80 4.35
N PRO A 83 -17.79 -32.59 4.26
CA PRO A 83 -19.20 -32.49 3.84
C PRO A 83 -19.40 -33.09 2.45
N GLN A 84 -20.64 -33.44 2.13
CA GLN A 84 -20.98 -33.93 0.79
C GLN A 84 -20.42 -33.00 -0.29
N GLY A 85 -19.69 -33.57 -1.25
CA GLY A 85 -18.99 -32.78 -2.24
C GLY A 85 -17.50 -32.52 -1.94
N ALA A 86 -17.12 -32.49 -0.66
CA ALA A 86 -15.75 -32.12 -0.31
C ALA A 86 -14.82 -33.33 -0.24
N HIS A 87 -13.55 -33.12 -0.58
CA HIS A 87 -12.56 -34.19 -0.56
C HIS A 87 -11.87 -34.27 0.81
N PHE A 88 -11.57 -33.10 1.36
CA PHE A 88 -10.73 -33.03 2.53
C PHE A 88 -11.32 -32.17 3.64
N LEU A 89 -10.92 -32.49 4.86
CA LEU A 89 -11.35 -31.81 6.07
C LEU A 89 -10.18 -31.76 7.05
N SER A 90 -9.75 -30.57 7.45
CA SER A 90 -8.74 -30.47 8.48
C SER A 90 -9.25 -29.70 9.70
N ARG A 91 -8.63 -29.93 10.85
N ARG A 91 -8.63 -29.93 10.85
CA ARG A 91 -9.01 -29.26 12.08
CA ARG A 91 -9.02 -29.27 12.09
C ARG A 91 -8.63 -27.80 12.04
C ARG A 91 -8.63 -27.80 12.04
N SER A 92 -7.50 -27.50 11.42
CA SER A 92 -7.00 -26.14 11.39
C SER A 92 -6.21 -25.85 10.13
N LEU A 93 -5.82 -24.60 9.97
CA LEU A 93 -5.05 -24.19 8.81
C LEU A 93 -3.72 -24.93 8.79
N ASP A 94 -3.06 -25.00 9.94
CA ASP A 94 -1.77 -25.69 10.01
C ASP A 94 -1.87 -27.19 9.73
N ASP A 95 -2.90 -27.86 10.23
CA ASP A 95 -3.10 -29.25 9.86
C ASP A 95 -3.26 -29.33 8.34
N ALA A 96 -4.02 -28.39 7.77
CA ALA A 96 -4.27 -28.40 6.33
C ALA A 96 -2.95 -28.23 5.59
N LEU A 97 -2.15 -27.27 6.01
CA LEU A 97 -0.87 -27.05 5.33
C LEU A 97 0.02 -28.29 5.42
N LYS A 98 0.10 -28.90 6.60
CA LYS A 98 0.94 -30.09 6.75
C LYS A 98 0.40 -31.25 5.92
N LEU A 99 -0.92 -31.31 5.76
CA LEU A 99 -1.55 -32.31 4.90
C LEU A 99 -1.07 -32.24 3.43
N THR A 100 -0.61 -31.07 3.01
CA THR A 100 -0.15 -30.92 1.62
C THR A 100 1.23 -31.56 1.39
N GLU A 101 1.89 -32.00 2.45
CA GLU A 101 3.17 -32.70 2.34
C GLU A 101 3.00 -34.19 2.05
N GLN A 102 1.82 -34.73 2.38
CA GLN A 102 1.51 -36.14 2.15
C GLN A 102 1.36 -36.46 0.67
N PRO A 103 1.81 -37.65 0.26
CA PRO A 103 1.81 -38.10 -1.13
C PRO A 103 0.50 -37.83 -1.83
N GLU A 104 -0.60 -38.07 -1.14
CA GLU A 104 -1.91 -37.94 -1.79
C GLU A 104 -2.28 -36.50 -2.16
N LEU A 105 -1.51 -35.52 -1.68
CA LEU A 105 -1.75 -34.11 -2.03
C LEU A 105 -0.56 -33.48 -2.73
N ALA A 106 0.64 -33.73 -2.19
CA ALA A 106 1.86 -33.38 -2.91
C ALA A 106 1.80 -34.07 -4.27
N ASN A 107 2.58 -33.59 -5.23
CA ASN A 107 2.49 -34.11 -6.59
C ASN A 107 1.20 -33.63 -7.28
N LYS A 108 0.09 -33.72 -6.55
CA LYS A 108 -1.23 -33.37 -7.06
C LYS A 108 -1.52 -31.87 -7.05
N VAL A 109 -0.89 -31.13 -6.12
CA VAL A 109 -1.26 -29.74 -5.86
C VAL A 109 -0.23 -28.71 -6.30
N ASP A 110 -0.68 -27.64 -6.96
CA ASP A 110 0.21 -26.53 -7.26
C ASP A 110 0.11 -25.41 -6.20
N MET A 111 -0.82 -24.48 -6.41
N MET A 111 -0.80 -24.47 -6.41
CA MET A 111 -0.96 -23.34 -5.51
CA MET A 111 -0.92 -23.34 -5.48
C MET A 111 -1.98 -23.63 -4.42
C MET A 111 -1.96 -23.63 -4.41
N VAL A 112 -1.79 -23.00 -3.27
CA VAL A 112 -2.77 -23.06 -2.19
C VAL A 112 -3.44 -21.70 -2.06
N TRP A 113 -4.77 -21.70 -2.07
CA TRP A 113 -5.55 -20.48 -1.93
C TRP A 113 -6.46 -20.54 -0.71
N ILE A 114 -6.30 -19.57 0.21
CA ILE A 114 -7.27 -19.40 1.29
C ILE A 114 -8.36 -18.46 0.79
N VAL A 115 -9.60 -18.95 0.83
CA VAL A 115 -10.73 -18.21 0.26
C VAL A 115 -11.79 -17.80 1.30
N GLY A 116 -11.49 -17.92 2.58
CA GLY A 116 -12.39 -17.46 3.63
C GLY A 116 -12.72 -18.51 4.69
N GLY A 117 -13.26 -18.09 5.83
CA GLY A 117 -13.60 -16.71 6.08
C GLY A 117 -12.67 -16.01 7.06
N SER A 118 -13.24 -15.11 7.85
N SER A 118 -13.23 -15.10 7.85
CA SER A 118 -12.49 -14.21 8.72
CA SER A 118 -12.47 -14.19 8.70
C SER A 118 -11.39 -14.86 9.55
C SER A 118 -11.38 -14.86 9.56
N SER A 119 -11.72 -15.95 10.23
CA SER A 119 -10.76 -16.62 11.12
C SER A 119 -9.63 -17.28 10.34
N VAL A 120 -9.99 -17.90 9.23
CA VAL A 120 -9.00 -18.52 8.36
C VAL A 120 -8.03 -17.48 7.81
N TYR A 121 -8.55 -16.30 7.46
CA TYR A 121 -7.68 -15.20 7.03
C TYR A 121 -6.68 -14.78 8.10
N LYS A 122 -7.20 -14.57 9.31
CA LYS A 122 -6.38 -14.24 10.48
C LYS A 122 -5.18 -15.18 10.65
N GLU A 123 -5.49 -16.47 10.73
CA GLU A 123 -4.48 -17.51 10.83
C GLU A 123 -3.49 -17.48 9.70
N ALA A 124 -3.99 -17.33 8.48
CA ALA A 124 -3.13 -17.37 7.31
C ALA A 124 -2.19 -16.18 7.34
N MET A 125 -2.77 -15.01 7.55
CA MET A 125 -2.01 -13.76 7.48
C MET A 125 -0.83 -13.74 8.42
N ASN A 126 -1.00 -14.37 9.58
CA ASN A 126 0.04 -14.42 10.61
C ASN A 126 0.94 -15.65 10.48
N HIS A 127 0.57 -16.58 9.61
CA HIS A 127 1.40 -17.75 9.35
C HIS A 127 2.78 -17.28 8.90
N PRO A 128 3.84 -17.92 9.39
CA PRO A 128 5.19 -17.50 9.02
C PRO A 128 5.56 -17.98 7.62
N GLY A 129 6.36 -17.21 6.89
CA GLY A 129 6.75 -17.59 5.55
C GLY A 129 6.31 -16.64 4.44
N HIS A 130 6.47 -17.07 3.18
CA HIS A 130 6.10 -16.27 2.02
C HIS A 130 4.60 -16.31 1.77
N LEU A 131 3.97 -15.15 1.85
CA LEU A 131 2.53 -15.07 1.73
C LEU A 131 2.11 -13.94 0.80
N LYS A 132 1.13 -14.21 -0.05
CA LYS A 132 0.54 -13.18 -0.92
C LYS A 132 -0.92 -12.99 -0.57
N LEU A 133 -1.34 -11.72 -0.54
CA LEU A 133 -2.74 -11.39 -0.27
C LEU A 133 -3.33 -10.70 -1.49
N PHE A 134 -4.33 -11.33 -2.10
CA PHE A 134 -5.02 -10.73 -3.22
C PHE A 134 -6.30 -10.14 -2.68
N VAL A 135 -6.31 -8.81 -2.57
CA VAL A 135 -7.41 -8.07 -1.97
C VAL A 135 -8.17 -7.20 -2.99
N THR A 136 -9.45 -7.49 -3.17
CA THR A 136 -10.31 -6.61 -3.95
C THR A 136 -10.92 -5.57 -3.01
N ARG A 137 -10.53 -4.30 -3.19
CA ARG A 137 -11.09 -3.22 -2.38
C ARG A 137 -12.37 -2.69 -3.01
N ILE A 138 -13.51 -3.10 -2.49
CA ILE A 138 -14.77 -2.58 -3.01
C ILE A 138 -14.95 -1.20 -2.40
N MET A 139 -15.04 -0.20 -3.25
N MET A 139 -15.03 -0.19 -3.26
CA MET A 139 -14.95 1.18 -2.82
CA MET A 139 -14.94 1.19 -2.80
C MET A 139 -16.31 1.75 -2.40
C MET A 139 -16.29 1.77 -2.38
N GLN A 140 -16.94 1.10 -1.44
CA GLN A 140 -18.08 1.70 -0.73
C GLN A 140 -18.50 0.80 0.44
N ASP A 141 -19.33 1.35 1.33
CA ASP A 141 -19.72 0.62 2.53
C ASP A 141 -20.92 -0.25 2.28
N PHE A 142 -20.89 -1.45 2.84
CA PHE A 142 -22.04 -2.34 2.81
C PHE A 142 -22.24 -2.89 4.20
N GLU A 143 -23.50 -3.10 4.58
CA GLU A 143 -23.83 -3.67 5.86
C GLU A 143 -23.31 -5.11 5.90
N SER A 144 -22.50 -5.40 6.91
CA SER A 144 -21.83 -6.68 7.01
C SER A 144 -21.79 -7.21 8.43
N ASP A 145 -21.88 -8.52 8.59
CA ASP A 145 -21.74 -9.13 9.88
C ASP A 145 -20.45 -9.96 10.03
N THR A 146 -19.65 -10.08 8.96
CA THR A 146 -18.31 -10.66 9.07
C THR A 146 -17.25 -9.73 8.48
N PHE A 147 -16.03 -9.80 9.00
CA PHE A 147 -15.03 -8.81 8.62
C PHE A 147 -13.66 -9.39 8.31
N PHE A 148 -12.92 -8.67 7.48
CA PHE A 148 -11.57 -9.03 7.11
C PHE A 148 -10.61 -8.35 8.06
N PRO A 149 -9.65 -9.12 8.63
CA PRO A 149 -8.71 -8.56 9.62
C PRO A 149 -7.77 -7.56 8.97
N GLU A 150 -7.41 -6.53 9.73
CA GLU A 150 -6.55 -5.48 9.20
C GLU A 150 -5.21 -6.09 8.79
N ILE A 151 -4.64 -5.55 7.72
CA ILE A 151 -3.35 -6.05 7.25
C ILE A 151 -2.23 -5.36 8.00
N ASP A 152 -1.32 -6.16 8.54
CA ASP A 152 -0.16 -5.60 9.23
C ASP A 152 0.86 -5.04 8.24
N LEU A 153 0.77 -3.72 8.01
CA LEU A 153 1.60 -3.03 7.04
C LEU A 153 3.08 -2.99 7.40
N GLU A 154 3.44 -3.59 8.53
CA GLU A 154 4.83 -3.70 8.92
C GLU A 154 5.43 -4.98 8.36
N LYS A 155 4.58 -5.98 8.12
CA LYS A 155 5.00 -7.24 7.53
C LYS A 155 4.76 -7.24 6.03
N TYR A 156 3.58 -6.75 5.64
CA TYR A 156 3.15 -6.77 4.24
C TYR A 156 3.49 -5.51 3.48
N LYS A 157 3.98 -5.70 2.26
CA LYS A 157 4.18 -4.61 1.32
C LYS A 157 3.10 -4.66 0.24
N LEU A 158 2.58 -3.49 -0.14
CA LEU A 158 1.64 -3.42 -1.26
C LEU A 158 2.42 -3.27 -2.58
N LEU A 159 2.14 -4.14 -3.55
CA LEU A 159 2.80 -4.04 -4.86
C LEU A 159 2.10 -2.99 -5.69
N PRO A 160 2.88 -2.24 -6.50
CA PRO A 160 2.23 -1.28 -7.40
C PRO A 160 1.46 -2.00 -8.52
N GLU A 161 2.04 -3.08 -9.04
CA GLU A 161 1.43 -3.92 -10.08
C GLU A 161 1.73 -5.38 -9.78
N TYR A 162 0.86 -6.25 -10.24
CA TYR A 162 1.17 -7.68 -10.21
C TYR A 162 0.79 -8.25 -11.57
N PRO A 163 1.64 -9.15 -12.10
CA PRO A 163 1.49 -9.71 -13.45
C PRO A 163 0.13 -10.31 -13.67
N GLY A 164 -0.54 -9.89 -14.73
CA GLY A 164 -1.85 -10.42 -15.02
C GLY A 164 -2.95 -9.73 -14.24
N VAL A 165 -2.61 -8.80 -13.34
CA VAL A 165 -3.65 -8.07 -12.61
C VAL A 165 -3.70 -6.61 -13.04
N LEU A 166 -4.88 -6.15 -13.44
CA LEU A 166 -5.08 -4.73 -13.75
C LEU A 166 -5.04 -3.87 -12.48
N SER A 167 -4.41 -2.70 -12.57
CA SER A 167 -4.25 -1.79 -11.42
C SER A 167 -5.34 -0.75 -11.33
N ASP A 168 -6.05 -0.53 -12.43
CA ASP A 168 -6.97 0.60 -12.48
C ASP A 168 -8.33 0.25 -11.88
N VAL A 169 -9.14 1.27 -11.65
CA VAL A 169 -10.48 1.11 -11.10
C VAL A 169 -11.42 0.31 -12.00
N GLN A 170 -12.15 -0.61 -11.39
CA GLN A 170 -13.16 -1.42 -12.06
C GLN A 170 -14.54 -0.90 -11.66
N GLU A 171 -15.56 -1.16 -12.49
CA GLU A 171 -16.91 -0.82 -12.06
C GLU A 171 -17.98 -1.70 -12.68
N GLU A 172 -18.81 -2.30 -11.82
CA GLU A 172 -19.97 -3.08 -12.24
C GLU A 172 -21.15 -2.70 -11.34
N LYS A 173 -22.35 -2.70 -11.91
CA LYS A 173 -23.57 -2.42 -11.16
C LYS A 173 -23.47 -1.17 -10.31
N GLY A 174 -22.77 -0.15 -10.81
CA GLY A 174 -22.60 1.10 -10.08
C GLY A 174 -21.50 1.10 -9.02
N ILE A 175 -20.80 -0.03 -8.87
CA ILE A 175 -19.86 -0.19 -7.77
C ILE A 175 -18.40 -0.21 -8.24
N LYS A 176 -17.61 0.71 -7.72
CA LYS A 176 -16.22 0.80 -8.10
C LYS A 176 -15.38 -0.09 -7.20
N TYR A 177 -14.32 -0.67 -7.74
CA TYR A 177 -13.40 -1.47 -6.93
C TYR A 177 -12.05 -1.61 -7.60
N LYS A 178 -11.07 -2.06 -6.82
CA LYS A 178 -9.71 -2.18 -7.31
C LYS A 178 -9.09 -3.50 -6.85
N PHE A 179 -8.26 -4.09 -7.70
CA PHE A 179 -7.51 -5.29 -7.35
C PHE A 179 -6.16 -4.90 -6.76
N GLU A 180 -5.89 -5.37 -5.54
CA GLU A 180 -4.63 -5.13 -4.87
C GLU A 180 -3.91 -6.45 -4.60
N VAL A 181 -2.58 -6.42 -4.61
CA VAL A 181 -1.79 -7.55 -4.16
C VAL A 181 -0.72 -7.13 -3.16
N TYR A 182 -0.73 -7.80 -1.99
CA TYR A 182 0.25 -7.57 -0.93
C TYR A 182 1.21 -8.76 -0.82
N GLU A 183 2.43 -8.50 -0.37
CA GLU A 183 3.43 -9.54 -0.22
C GLU A 183 4.17 -9.43 1.14
N LYS A 184 4.57 -10.57 1.71
CA LYS A 184 5.49 -10.58 2.85
C LYS A 184 6.44 -11.78 2.79
N ASN A 185 7.41 -11.82 3.70
CA ASN A 185 8.38 -12.92 3.74
C ASN A 185 8.53 -13.66 5.08
N ASP A 186 7.90 -13.17 6.15
CA ASP A 186 7.80 -13.93 7.41
C ASP A 186 7.15 -13.13 8.56
N VAL B 1 -6.82 12.20 6.16
CA VAL B 1 -5.96 12.62 5.05
C VAL B 1 -6.25 14.05 4.64
N GLY B 2 -5.42 14.99 5.11
CA GLY B 2 -5.56 16.37 4.69
C GLY B 2 -4.20 16.99 4.42
N SER B 3 -4.19 18.11 3.70
CA SER B 3 -2.97 18.83 3.37
C SER B 3 -2.05 18.03 2.45
N LEU B 4 -1.90 18.54 1.23
CA LEU B 4 -0.81 18.16 0.35
C LEU B 4 0.30 19.20 0.47
N ASN B 5 1.51 18.76 0.80
CA ASN B 5 2.61 19.68 1.06
C ASN B 5 3.92 19.24 0.41
N CYS B 6 4.68 20.20 -0.09
CA CYS B 6 6.06 19.98 -0.51
C CYS B 6 7.03 20.64 0.44
N ILE B 7 8.19 20.03 0.61
CA ILE B 7 9.21 20.67 1.43
C ILE B 7 10.56 20.43 0.80
N VAL B 8 11.36 21.49 0.73
CA VAL B 8 12.63 21.45 0.03
C VAL B 8 13.56 22.50 0.63
N ALA B 9 14.85 22.18 0.62
CA ALA B 9 15.88 23.17 0.87
C ALA B 9 16.60 23.45 -0.46
N VAL B 10 16.69 24.71 -0.87
CA VAL B 10 17.23 25.01 -2.19
C VAL B 10 18.29 26.13 -2.15
N SER B 11 19.40 25.95 -2.86
CA SER B 11 20.46 26.95 -2.87
C SER B 11 20.07 28.13 -3.78
N GLN B 12 20.92 29.16 -3.81
CA GLN B 12 20.60 30.38 -4.57
C GLN B 12 20.55 30.08 -6.07
N ASN B 13 21.38 29.16 -6.52
CA ASN B 13 21.35 28.71 -7.90
C ASN B 13 20.29 27.62 -8.13
N MET B 14 19.35 27.49 -7.19
CA MET B 14 18.22 26.54 -7.29
C MET B 14 18.64 25.07 -7.18
N GLY B 15 19.85 24.81 -6.71
CA GLY B 15 20.29 23.44 -6.53
C GLY B 15 19.72 22.75 -5.29
N ILE B 16 19.51 21.45 -5.41
CA ILE B 16 18.97 20.65 -4.33
C ILE B 16 19.77 19.37 -4.16
N GLY B 17 20.66 19.06 -5.10
CA GLY B 17 21.48 17.86 -4.99
C GLY B 17 22.82 17.92 -5.69
N LYS B 18 23.71 17.02 -5.29
CA LYS B 18 25.04 16.92 -5.88
C LYS B 18 25.60 15.53 -5.57
N ASN B 19 25.85 14.74 -6.61
CA ASN B 19 26.38 13.38 -6.43
C ASN B 19 25.62 12.56 -5.41
N GLY B 20 24.29 12.70 -5.40
CA GLY B 20 23.47 11.99 -4.44
C GLY B 20 23.60 12.47 -3.00
N ASP B 21 24.15 13.68 -2.83
CA ASP B 21 24.26 14.28 -1.51
C ASP B 21 23.71 15.69 -1.53
N LEU B 22 23.48 16.26 -0.36
CA LEU B 22 23.13 17.67 -0.29
C LEU B 22 24.31 18.48 -0.80
N PRO B 23 24.03 19.59 -1.51
CA PRO B 23 25.07 20.43 -2.09
C PRO B 23 25.89 21.17 -1.04
N TRP B 24 25.34 21.29 0.16
CA TRP B 24 25.99 22.03 1.22
C TRP B 24 26.34 21.08 2.36
N PRO B 25 27.21 21.54 3.27
N PRO B 25 27.21 21.53 3.27
CA PRO B 25 27.48 20.82 4.52
CA PRO B 25 27.48 20.79 4.50
C PRO B 25 26.22 20.68 5.34
C PRO B 25 26.23 20.69 5.36
N PRO B 26 26.13 19.63 6.17
CA PRO B 26 24.95 19.38 7.00
C PRO B 26 24.59 20.58 7.89
N LEU B 27 23.35 21.05 7.77
CA LEU B 27 22.84 22.14 8.59
C LEU B 27 21.90 21.54 9.61
N ARG B 28 22.39 21.39 10.83
CA ARG B 28 21.69 20.67 11.88
C ARG B 28 20.22 21.11 12.09
N ASN B 29 19.97 22.42 12.13
CA ASN B 29 18.63 22.92 12.40
C ASN B 29 17.72 22.98 11.17
N GLU B 30 18.30 23.08 9.99
CA GLU B 30 17.52 22.91 8.78
C GLU B 30 16.96 21.47 8.77
N PHE B 31 17.78 20.52 9.21
CA PHE B 31 17.36 19.13 9.30
C PHE B 31 16.28 18.91 10.36
N ARG B 32 16.46 19.52 11.54
CA ARG B 32 15.47 19.37 12.60
C ARG B 32 14.13 19.93 12.14
N TYR B 33 14.20 21.06 11.46
CA TYR B 33 13.02 21.68 10.84
C TYR B 33 12.32 20.70 9.89
N PHE B 34 13.11 20.08 9.02
CA PHE B 34 12.58 19.12 8.07
C PHE B 34 11.90 17.98 8.82
N GLN B 35 12.58 17.45 9.83
CA GLN B 35 12.07 16.32 10.60
C GLN B 35 10.79 16.65 11.32
N ARG B 36 10.78 17.79 12.01
CA ARG B 36 9.62 18.14 12.80
C ARG B 36 8.42 18.44 11.92
N MET B 37 8.65 19.19 10.83
CA MET B 37 7.56 19.53 9.93
C MET B 37 6.91 18.28 9.31
N THR B 38 7.72 17.31 8.85
CA THR B 38 7.15 16.17 8.13
C THR B 38 6.62 15.09 9.06
N THR B 39 7.15 15.06 10.29
CA THR B 39 6.79 14.02 11.24
C THR B 39 5.56 14.38 12.07
N THR B 40 5.36 15.67 12.34
CA THR B 40 4.28 16.10 13.23
C THR B 40 2.89 16.01 12.62
N SER B 41 2.09 15.11 13.19
CA SER B 41 0.70 14.99 12.79
C SER B 41 -0.18 15.94 13.60
N SER B 42 -1.18 16.51 12.94
CA SER B 42 -2.14 17.39 13.62
C SER B 42 -3.36 16.61 14.12
N VAL B 43 -3.34 15.30 13.91
CA VAL B 43 -4.42 14.40 14.31
C VAL B 43 -3.86 13.22 15.11
N GLU B 44 -4.35 13.01 16.32
CA GLU B 44 -3.82 11.94 17.16
C GLU B 44 -4.19 10.57 16.58
N GLY B 45 -3.28 9.62 16.66
CA GLY B 45 -3.50 8.30 16.09
C GLY B 45 -3.09 8.17 14.63
N LYS B 46 -2.92 9.30 13.94
CA LYS B 46 -2.52 9.28 12.54
C LYS B 46 -1.06 9.68 12.35
N GLN B 47 -0.44 9.14 11.31
CA GLN B 47 0.92 9.52 10.95
C GLN B 47 0.89 10.30 9.64
N ASN B 48 1.96 11.04 9.37
CA ASN B 48 2.08 11.67 8.07
C ASN B 48 2.70 10.71 7.05
N LEU B 49 2.42 10.96 5.78
CA LEU B 49 2.96 10.19 4.68
C LEU B 49 4.01 11.04 3.97
N VAL B 50 5.21 10.50 3.77
CA VAL B 50 6.20 11.20 2.95
C VAL B 50 6.35 10.45 1.63
N ILE B 51 6.38 11.22 0.55
CA ILE B 51 6.50 10.72 -0.81
C ILE B 51 7.81 11.22 -1.41
N MET B 52 8.59 10.30 -1.95
CA MET B 52 9.88 10.65 -2.55
C MET B 52 10.21 9.79 -3.75
N GLY B 53 11.05 10.31 -4.65
CA GLY B 53 11.53 9.53 -5.77
C GLY B 53 12.58 8.53 -5.32
N LYS B 54 12.86 7.57 -6.18
CA LYS B 54 13.87 6.53 -5.96
C LYS B 54 15.26 7.08 -5.58
N LYS B 55 15.76 8.08 -6.30
CA LYS B 55 17.08 8.64 -6.00
C LYS B 55 17.12 9.31 -4.61
N THR B 56 16.05 10.02 -4.27
CA THR B 56 15.95 10.59 -2.94
C THR B 56 15.97 9.48 -1.89
N TRP B 57 15.20 8.42 -2.12
CA TRP B 57 15.18 7.31 -1.17
C TRP B 57 16.59 6.74 -0.94
N PHE B 58 17.32 6.49 -2.01
CA PHE B 58 18.62 5.85 -1.89
C PHE B 58 19.72 6.85 -1.48
N SER B 59 19.42 8.14 -1.51
CA SER B 59 20.39 9.15 -1.05
C SER B 59 20.35 9.29 0.48
N ILE B 60 19.29 8.78 1.09
CA ILE B 60 19.18 8.73 2.53
C ILE B 60 20.06 7.62 3.10
N PRO B 61 20.90 7.94 4.10
CA PRO B 61 21.74 6.94 4.75
C PRO B 61 20.94 5.70 5.14
N GLU B 62 21.41 4.53 4.73
CA GLU B 62 20.69 3.28 4.92
C GLU B 62 20.18 3.13 6.34
N LYS B 63 20.98 3.61 7.29
CA LYS B 63 20.66 3.47 8.70
C LYS B 63 19.45 4.33 9.09
N ASN B 64 19.11 5.31 8.25
CA ASN B 64 18.01 6.22 8.57
C ASN B 64 16.76 6.04 7.70
N ARG B 65 16.78 4.99 6.88
CA ARG B 65 15.61 4.59 6.09
C ARG B 65 14.91 3.44 6.78
N PRO B 66 13.58 3.47 6.84
CA PRO B 66 12.73 4.55 6.30
C PRO B 66 12.76 5.76 7.22
N LEU B 67 12.30 6.92 6.76
CA LEU B 67 12.21 8.07 7.66
C LEU B 67 11.30 7.72 8.83
N LYS B 68 11.85 7.76 10.04
CA LYS B 68 11.16 7.30 11.25
C LYS B 68 9.93 8.12 11.59
N GLY B 69 8.94 7.46 12.18
CA GLY B 69 7.69 8.10 12.57
C GLY B 69 6.81 8.56 11.41
N ARG B 70 7.16 8.16 10.19
CA ARG B 70 6.34 8.49 9.04
C ARG B 70 6.13 7.30 8.12
N ILE B 71 4.97 7.26 7.46
CA ILE B 71 4.75 6.28 6.41
C ILE B 71 5.52 6.73 5.17
N ASN B 72 6.46 5.89 4.74
CA ASN B 72 7.33 6.20 3.61
C ASN B 72 6.78 5.59 2.32
N LEU B 73 6.67 6.40 1.28
CA LEU B 73 6.24 5.88 -0.01
C LEU B 73 7.22 6.33 -1.10
N VAL B 74 7.67 5.38 -1.91
CA VAL B 74 8.61 5.67 -2.99
C VAL B 74 7.91 5.65 -4.36
N LEU B 75 8.29 6.61 -5.21
CA LEU B 75 7.84 6.68 -6.59
C LEU B 75 8.89 6.10 -7.55
N SER B 76 8.49 5.12 -8.35
CA SER B 76 9.36 4.57 -9.36
C SER B 76 8.57 3.72 -10.34
N ARG B 77 8.97 3.76 -11.62
CA ARG B 77 8.34 2.94 -12.66
C ARG B 77 9.18 1.69 -12.99
N GLU B 78 10.33 1.56 -12.36
CA GLU B 78 11.23 0.41 -12.58
C GLU B 78 11.19 -0.61 -11.46
N LEU B 79 11.14 -0.16 -10.21
CA LEU B 79 11.04 -1.09 -9.09
C LEU B 79 9.71 -1.87 -9.14
N LYS B 80 9.76 -3.14 -8.76
CA LYS B 80 8.58 -3.99 -8.82
C LYS B 80 8.01 -4.17 -7.42
N GLU B 81 8.86 -3.91 -6.44
N GLU B 81 8.83 -3.88 -6.42
CA GLU B 81 8.46 -3.93 -5.04
CA GLU B 81 8.39 -3.95 -5.04
C GLU B 81 9.02 -2.70 -4.35
C GLU B 81 9.08 -2.85 -4.25
N PRO B 82 8.43 -2.34 -3.20
CA PRO B 82 9.03 -1.31 -2.35
C PRO B 82 10.43 -1.75 -1.94
N PRO B 83 11.40 -0.83 -1.94
CA PRO B 83 12.75 -1.19 -1.51
C PRO B 83 12.74 -1.68 -0.07
N GLN B 84 13.79 -2.38 0.35
CA GLN B 84 13.94 -2.83 1.73
C GLN B 84 13.75 -1.66 2.69
N GLY B 85 12.87 -1.80 3.67
CA GLY B 85 12.53 -0.71 4.56
C GLY B 85 11.28 0.05 4.17
N ALA B 86 10.97 0.11 2.88
CA ALA B 86 9.81 0.88 2.43
C ALA B 86 8.53 0.06 2.50
N HIS B 87 7.42 0.73 2.76
CA HIS B 87 6.13 0.07 2.89
C HIS B 87 5.37 0.15 1.56
N PHE B 88 5.54 1.27 0.86
CA PHE B 88 4.74 1.53 -0.30
C PHE B 88 5.57 1.98 -1.51
N LEU B 89 5.06 1.66 -2.69
CA LEU B 89 5.67 2.02 -3.96
C LEU B 89 4.56 2.38 -4.96
N SER B 90 4.67 3.56 -5.56
CA SER B 90 3.76 3.91 -6.64
C SER B 90 4.49 4.29 -7.92
N ARG B 91 3.78 4.20 -9.04
N ARG B 91 3.80 4.23 -9.05
CA ARG B 91 4.32 4.54 -10.35
CA ARG B 91 4.41 4.54 -10.33
C ARG B 91 4.52 6.03 -10.50
C ARG B 91 4.48 6.04 -10.56
N SER B 92 3.59 6.79 -9.93
CA SER B 92 3.59 8.23 -10.11
C SER B 92 2.97 8.92 -8.92
N LEU B 93 3.06 10.24 -8.91
CA LEU B 93 2.53 11.02 -7.81
C LEU B 93 1.03 10.82 -7.72
N ASP B 94 0.37 10.87 -8.87
CA ASP B 94 -1.06 10.73 -8.92
C ASP B 94 -1.51 9.35 -8.45
N ASP B 95 -0.78 8.30 -8.82
CA ASP B 95 -1.09 6.98 -8.28
C ASP B 95 -0.98 7.03 -6.75
N ALA B 96 0.09 7.63 -6.25
CA ALA B 96 0.32 7.72 -4.81
C ALA B 96 -0.84 8.47 -4.14
N LEU B 97 -1.23 9.61 -4.71
CA LEU B 97 -2.33 10.37 -4.12
C LEU B 97 -3.62 9.56 -4.10
N LYS B 98 -3.92 8.87 -5.20
CA LYS B 98 -5.13 8.06 -5.27
C LYS B 98 -5.06 6.92 -4.25
N LEU B 99 -3.84 6.43 -4.03
CA LEU B 99 -3.63 5.36 -3.04
C LEU B 99 -3.99 5.80 -1.61
N THR B 100 -3.97 7.10 -1.34
CA THR B 100 -4.30 7.58 -0.01
C THR B 100 -5.79 7.48 0.30
N GLU B 101 -6.60 7.18 -0.72
CA GLU B 101 -8.04 7.00 -0.55
C GLU B 101 -8.42 5.61 -0.04
N GLN B 102 -7.65 4.59 -0.43
CA GLN B 102 -7.87 3.22 0.03
C GLN B 102 -7.79 3.10 1.55
N PRO B 103 -8.57 2.18 2.13
CA PRO B 103 -8.65 1.93 3.57
C PRO B 103 -7.28 1.84 4.23
N GLU B 104 -6.37 1.08 3.64
CA GLU B 104 -5.10 0.83 4.29
C GLU B 104 -4.24 2.10 4.48
N LEU B 105 -4.60 3.21 3.83
CA LEU B 105 -3.86 4.47 4.04
C LEU B 105 -4.75 5.55 4.63
N ALA B 106 -5.99 5.65 4.16
CA ALA B 106 -6.96 6.50 4.82
C ALA B 106 -7.10 6.00 6.26
N ASN B 107 -7.57 6.86 7.16
CA ASN B 107 -7.64 6.50 8.59
C ASN B 107 -6.26 6.50 9.25
N LYS B 108 -5.24 5.98 8.56
CA LYS B 108 -3.89 5.98 9.12
C LYS B 108 -3.12 7.27 8.84
N VAL B 109 -3.46 7.97 7.75
CA VAL B 109 -2.65 9.10 7.28
C VAL B 109 -3.24 10.46 7.57
N ASP B 110 -2.43 11.38 8.08
CA ASP B 110 -2.84 12.77 8.21
C ASP B 110 -2.35 13.65 7.05
N MET B 111 -1.15 14.21 7.21
N MET B 111 -1.16 14.23 7.20
CA MET B 111 -0.59 15.09 6.18
CA MET B 111 -0.65 15.10 6.15
C MET B 111 0.21 14.30 5.16
C MET B 111 0.21 14.32 5.17
N VAL B 112 0.19 14.77 3.92
CA VAL B 112 1.07 14.22 2.90
C VAL B 112 2.19 15.21 2.60
N TRP B 113 3.43 14.74 2.67
CA TRP B 113 4.60 15.56 2.42
C TRP B 113 5.41 15.04 1.23
N ILE B 114 5.59 15.88 0.21
CA ILE B 114 6.52 15.55 -0.88
C ILE B 114 7.91 16.05 -0.50
N VAL B 115 8.88 15.13 -0.42
CA VAL B 115 10.22 15.47 0.04
C VAL B 115 11.34 15.34 -1.00
N GLY B 116 10.99 15.21 -2.28
CA GLY B 116 11.98 15.17 -3.35
C GLY B 116 11.87 13.96 -4.27
N GLY B 117 12.47 14.00 -5.46
CA GLY B 117 13.31 15.10 -5.89
C GLY B 117 12.68 15.97 -6.96
N SER B 118 13.52 16.51 -7.83
N SER B 118 13.52 16.51 -7.83
CA SER B 118 13.13 17.49 -8.83
CA SER B 118 13.11 17.51 -8.83
C SER B 118 11.84 17.17 -9.60
C SER B 118 11.84 17.17 -9.61
N SER B 119 11.75 15.95 -10.12
CA SER B 119 10.60 15.55 -10.93
C SER B 119 9.33 15.50 -10.10
N VAL B 120 9.45 14.95 -8.90
CA VAL B 120 8.33 14.84 -7.97
C VAL B 120 7.83 16.24 -7.60
N TYR B 121 8.74 17.17 -7.42
CA TYR B 121 8.38 18.55 -7.15
C TYR B 121 7.58 19.17 -8.30
N LYS B 122 8.13 19.06 -9.51
CA LYS B 122 7.47 19.58 -10.71
C LYS B 122 6.03 19.06 -10.80
N GLU B 123 5.88 17.74 -10.70
CA GLU B 123 4.57 17.10 -10.77
C GLU B 123 3.65 17.59 -9.66
N ALA B 124 4.21 17.77 -8.46
CA ALA B 124 3.41 18.19 -7.33
C ALA B 124 2.91 19.62 -7.49
N MET B 125 3.83 20.52 -7.85
CA MET B 125 3.54 21.94 -7.93
C MET B 125 2.44 22.26 -8.92
N ASN B 126 2.39 21.50 -10.01
CA ASN B 126 1.39 21.67 -11.05
C ASN B 126 0.10 20.91 -10.76
N HIS B 127 0.13 20.06 -9.74
CA HIS B 127 -1.07 19.33 -9.34
C HIS B 127 -2.18 20.32 -8.97
N PRO B 128 -3.42 20.01 -9.37
CA PRO B 128 -4.55 20.89 -9.04
C PRO B 128 -4.96 20.75 -7.58
N GLY B 129 -5.52 21.81 -7.00
CA GLY B 129 -5.95 21.76 -5.62
C GLY B 129 -5.10 22.59 -4.67
N HIS B 130 -5.37 22.47 -3.37
CA HIS B 130 -4.66 23.25 -2.36
C HIS B 130 -3.28 22.68 -2.06
N LEU B 131 -2.26 23.44 -2.41
CA LEU B 131 -0.89 23.03 -2.19
C LEU B 131 -0.10 24.07 -1.39
N LYS B 132 0.71 23.58 -0.44
CA LYS B 132 1.65 24.42 0.30
C LYS B 132 3.08 24.01 -0.02
N LEU B 133 3.94 25.02 -0.16
CA LEU B 133 5.36 24.79 -0.45
C LEU B 133 6.22 25.36 0.67
N PHE B 134 6.95 24.49 1.34
CA PHE B 134 7.84 24.93 2.40
C PHE B 134 9.23 24.93 1.81
N VAL B 135 9.72 26.14 1.55
CA VAL B 135 10.99 26.33 0.86
C VAL B 135 12.02 26.99 1.79
N THR B 136 13.10 26.27 2.06
CA THR B 136 14.23 26.86 2.75
C THR B 136 15.16 27.48 1.71
N ARG B 137 15.29 28.80 1.76
CA ARG B 137 16.18 29.52 0.84
C ARG B 137 17.58 29.61 1.43
N ILE B 138 18.50 28.80 0.93
CA ILE B 138 19.87 28.87 1.40
C ILE B 138 20.55 29.96 0.60
N MET B 139 20.96 31.00 1.31
CA MET B 139 21.42 32.23 0.69
C MET B 139 22.89 32.12 0.25
N GLN B 140 23.18 31.12 -0.57
CA GLN B 140 24.49 30.92 -1.14
C GLN B 140 24.42 30.04 -2.38
N ASP B 141 25.42 30.13 -3.24
CA ASP B 141 25.51 29.23 -4.39
C ASP B 141 26.32 28.00 -4.02
N PHE B 142 25.83 26.85 -4.45
CA PHE B 142 26.52 25.60 -4.24
C PHE B 142 26.47 24.82 -5.53
N GLU B 143 27.57 24.14 -5.84
N GLU B 143 27.57 24.14 -5.84
CA GLU B 143 27.64 23.30 -7.02
CA GLU B 143 27.64 23.30 -7.02
C GLU B 143 26.61 22.18 -6.91
C GLU B 143 26.61 22.18 -6.91
N SER B 144 25.71 22.11 -7.89
CA SER B 144 24.61 21.16 -7.85
C SER B 144 24.38 20.49 -9.19
N ASP B 145 23.91 19.24 -9.15
CA ASP B 145 23.55 18.55 -10.37
C ASP B 145 22.05 18.25 -10.46
N THR B 146 21.28 18.58 -9.42
CA THR B 146 19.81 18.54 -9.50
C THR B 146 19.21 19.86 -9.05
N PHE B 147 18.05 20.22 -9.60
CA PHE B 147 17.50 21.54 -9.34
C PHE B 147 16.02 21.56 -9.02
N PHE B 148 15.63 22.57 -8.25
CA PHE B 148 14.24 22.79 -7.89
C PHE B 148 13.57 23.62 -8.97
N PRO B 149 12.39 23.18 -9.45
CA PRO B 149 11.67 23.90 -10.50
C PRO B 149 11.21 25.27 -10.01
N GLU B 150 11.29 26.27 -10.87
CA GLU B 150 10.90 27.62 -10.52
C GLU B 150 9.44 27.63 -10.10
N ILE B 151 9.12 28.49 -9.13
CA ILE B 151 7.74 28.55 -8.67
C ILE B 151 6.92 29.52 -9.49
N ASP B 152 5.76 29.06 -9.95
CA ASP B 152 4.85 29.91 -10.71
C ASP B 152 4.15 30.93 -9.81
N LEU B 153 4.71 32.14 -9.77
CA LEU B 153 4.21 33.21 -8.91
C LEU B 153 2.82 33.73 -9.28
N GLU B 154 2.25 33.20 -10.35
CA GLU B 154 0.89 33.56 -10.73
C GLU B 154 -0.11 32.62 -10.07
N LYS B 155 0.38 31.48 -9.62
CA LYS B 155 -0.46 30.51 -8.93
C LYS B 155 -0.21 30.58 -7.42
N TYR B 156 1.08 30.66 -7.07
CA TYR B 156 1.49 30.63 -5.67
C TYR B 156 1.69 32.02 -5.08
N LYS B 157 1.08 32.24 -3.92
CA LYS B 157 1.36 33.43 -3.10
C LYS B 157 2.41 33.11 -2.03
N LEU B 158 3.29 34.05 -1.74
CA LEU B 158 4.21 33.89 -0.62
C LEU B 158 3.62 34.48 0.66
N LEU B 159 3.62 33.70 1.75
CA LEU B 159 3.07 34.17 3.01
C LEU B 159 4.11 34.99 3.74
N PRO B 160 3.67 36.07 4.40
CA PRO B 160 4.62 36.86 5.20
C PRO B 160 5.10 36.04 6.41
N GLU B 161 4.19 35.29 7.01
CA GLU B 161 4.47 34.44 8.17
C GLU B 161 3.65 33.18 8.08
N TYR B 162 4.17 32.09 8.61
CA TYR B 162 3.36 30.90 8.78
C TYR B 162 3.54 30.39 10.22
N PRO B 163 2.43 29.96 10.85
CA PRO B 163 2.43 29.56 12.28
C PRO B 163 3.48 28.50 12.58
N GLY B 164 4.28 28.75 13.60
CA GLY B 164 5.29 27.79 13.99
C GLY B 164 6.55 27.95 13.17
N VAL B 165 6.51 28.78 12.13
CA VAL B 165 7.71 29.02 11.32
C VAL B 165 8.27 30.42 11.57
N LEU B 166 9.55 30.48 11.92
CA LEU B 166 10.25 31.75 12.08
C LEU B 166 10.55 32.42 10.73
N SER B 167 10.44 33.75 10.69
CA SER B 167 10.60 34.54 9.48
C SER B 167 12.02 35.02 9.27
N ASP B 168 12.79 35.11 10.34
CA ASP B 168 14.07 35.80 10.25
C ASP B 168 15.17 34.90 9.70
N VAL B 169 16.30 35.50 9.37
CA VAL B 169 17.43 34.76 8.84
C VAL B 169 18.03 33.81 9.88
N GLN B 170 18.32 32.60 9.41
CA GLN B 170 18.98 31.56 10.19
C GLN B 170 20.44 31.50 9.79
N GLU B 171 21.30 30.97 10.65
CA GLU B 171 22.69 30.76 10.25
C GLU B 171 23.39 29.65 11.02
N GLU B 172 23.93 28.68 10.27
CA GLU B 172 24.77 27.60 10.81
C GLU B 172 25.97 27.44 9.88
N LYS B 173 27.11 27.08 10.44
CA LYS B 173 28.31 26.79 9.67
C LYS B 173 28.64 27.87 8.64
N GLY B 174 28.43 29.13 9.02
CA GLY B 174 28.69 30.25 8.13
C GLY B 174 27.65 30.47 7.05
N ILE B 175 26.59 29.68 7.05
CA ILE B 175 25.61 29.73 5.99
C ILE B 175 24.26 30.34 6.44
N LYS B 176 23.82 31.37 5.75
CA LYS B 176 22.58 32.04 6.09
C LYS B 176 21.43 31.43 5.27
N TYR B 177 20.25 31.35 5.86
CA TYR B 177 19.08 30.88 5.13
C TYR B 177 17.79 31.30 5.81
N LYS B 178 16.68 31.20 5.09
CA LYS B 178 15.41 31.45 5.73
C LYS B 178 14.33 30.49 5.25
N PHE B 179 13.34 30.31 6.11
CA PHE B 179 12.21 29.44 5.85
C PHE B 179 11.09 30.23 5.18
N GLU B 180 10.65 29.76 4.02
CA GLU B 180 9.55 30.37 3.31
C GLU B 180 8.40 29.41 3.20
N VAL B 181 7.18 29.95 3.18
CA VAL B 181 5.99 29.16 2.87
C VAL B 181 5.14 29.82 1.77
N TYR B 182 4.85 29.05 0.72
CA TYR B 182 3.99 29.48 -0.40
C TYR B 182 2.68 28.69 -0.41
N GLU B 183 1.60 29.33 -0.86
CA GLU B 183 0.29 28.68 -0.92
C GLU B 183 -0.40 28.90 -2.28
N LYS B 184 -1.20 27.94 -2.72
CA LYS B 184 -2.08 28.14 -3.87
C LYS B 184 -3.42 27.42 -3.67
N ASN B 185 -4.36 27.66 -4.58
CA ASN B 185 -5.66 26.98 -4.55
C ASN B 185 -5.95 26.09 -5.77
N ASP B 186 -5.36 26.41 -6.93
CA ASP B 186 -5.41 25.52 -8.10
C ASP B 186 -4.60 26.06 -9.29
#